data_5HWT
#
_entry.id   5HWT
#
_cell.length_a   41.114
_cell.length_b   49.314
_cell.length_c   56.222
_cell.angle_alpha   90.00
_cell.angle_beta   109.22
_cell.angle_gamma   90.00
#
_symmetry.space_group_name_H-M   'P 1 21 1'
#
loop_
_entity.id
_entity.type
_entity.pdbx_description
1 polymer 'Sensor histidine kinase TodS'
2 water water
#
_entity_poly.entity_id   1
_entity_poly.type   'polypeptide(L)'
_entity_poly.pdbx_seq_one_letter_code
;GA(MSE)ALYEFVGLLDAHGNVLEVNQVALEGGGITLEEIRGKPFWKARWWQISKKTEATQKRLVETASSGEFVRCDVEI
LGKSGGREVIAVDFSLLPICNEEGSIVYLLAEGRNITDKKKAEA(MSE)LALKNQELE
;
_entity_poly.pdbx_strand_id   A,B
#
# COMPACT_ATOMS: atom_id res chain seq x y z
N GLY A 1 5.32 -10.74 17.28
CA GLY A 1 3.98 -10.30 17.85
C GLY A 1 2.90 -10.19 16.77
N ALA A 2 1.89 -9.34 17.00
CA ALA A 2 0.71 -9.22 16.16
C ALA A 2 1.10 -8.70 14.77
N MSE A 3 2.10 -7.80 14.71
CA MSE A 3 2.41 -7.08 13.41
C MSE A 3 3.49 -7.73 12.60
O MSE A 3 3.75 -7.29 11.45
CB MSE A 3 2.82 -5.57 13.56
CG MSE A 3 1.82 -4.71 14.33
SE MSE A 3 0.03 -5.02 13.51
CE MSE A 3 0.28 -4.45 11.62
N ALA A 4 4.08 -8.81 13.15
CA ALA A 4 5.13 -9.51 12.46
C ALA A 4 4.70 -10.08 11.11
N LEU A 5 3.39 -10.21 10.94
CA LEU A 5 2.78 -10.73 9.73
C LEU A 5 3.20 -9.95 8.48
N TYR A 6 3.63 -8.68 8.61
CA TYR A 6 4.00 -7.87 7.42
C TYR A 6 5.44 -7.36 7.59
N GLU A 7 6.29 -7.32 6.54
CA GLU A 7 7.62 -6.64 6.73
C GLU A 7 7.85 -5.48 5.78
N PHE A 8 8.51 -5.68 4.62
CA PHE A 8 8.66 -4.53 3.70
C PHE A 8 7.43 -4.39 2.78
N VAL A 9 6.93 -3.18 2.52
CA VAL A 9 5.89 -3.02 1.48
C VAL A 9 6.02 -1.69 0.79
N GLY A 10 5.69 -1.66 -0.52
CA GLY A 10 5.70 -0.44 -1.28
C GLY A 10 4.62 -0.44 -2.27
N LEU A 11 4.24 0.77 -2.70
CA LEU A 11 3.18 0.93 -3.67
C LEU A 11 3.87 1.64 -4.85
N LEU A 12 3.72 1.03 -6.03
CA LEU A 12 4.28 1.56 -7.31
C LEU A 12 3.12 1.96 -8.18
N ASP A 13 3.35 2.84 -9.12
CA ASP A 13 2.32 3.01 -10.15
C ASP A 13 2.30 1.80 -11.16
N ALA A 14 1.46 1.91 -12.20
CA ALA A 14 1.31 0.78 -13.10
C ALA A 14 2.57 0.47 -13.91
N HIS A 15 3.52 1.41 -13.90
CA HIS A 15 4.79 1.20 -14.64
C HIS A 15 5.97 0.94 -13.72
N GLY A 16 5.70 0.81 -12.43
CA GLY A 16 6.75 0.60 -11.43
C GLY A 16 7.45 1.82 -10.87
N ASN A 17 6.90 3.03 -11.13
CA ASN A 17 7.46 4.20 -10.45
C ASN A 17 7.04 4.21 -8.96
N VAL A 18 7.93 4.68 -8.06
CA VAL A 18 7.69 4.55 -6.64
C VAL A 18 6.66 5.59 -6.20
N LEU A 19 5.63 5.14 -5.50
CA LEU A 19 4.65 6.08 -4.88
C LEU A 19 4.80 6.19 -3.37
N GLU A 20 4.83 5.05 -2.72
CA GLU A 20 4.98 4.96 -1.25
C GLU A 20 5.85 3.79 -0.86
N VAL A 21 6.57 3.92 0.24
CA VAL A 21 7.36 2.78 0.83
C VAL A 21 7.29 2.88 2.34
N ASN A 22 7.12 1.74 3.01
CA ASN A 22 6.98 1.79 4.47
C ASN A 22 8.38 2.04 5.12
N GLN A 23 8.34 2.44 6.39
CA GLN A 23 9.56 2.87 7.05
C GLN A 23 10.55 1.72 7.23
N VAL A 24 10.05 0.52 7.47
CA VAL A 24 10.95 -0.62 7.66
C VAL A 24 11.82 -0.83 6.41
N ALA A 25 11.21 -0.70 5.22
CA ALA A 25 11.96 -0.81 3.97
C ALA A 25 12.95 0.34 3.74
N LEU A 26 12.52 1.59 3.98
CA LEU A 26 13.39 2.72 3.83
C LEU A 26 14.60 2.71 4.79
N GLU A 27 14.34 2.43 6.06
CA GLU A 27 15.40 2.44 7.07
C GLU A 27 16.36 1.29 6.71
N GLY A 28 15.82 0.13 6.33
CA GLY A 28 16.68 -1.02 6.00
C GLY A 28 17.58 -0.80 4.83
N GLY A 29 17.08 0.01 3.84
CA GLY A 29 17.87 0.41 2.68
C GLY A 29 18.70 1.69 2.85
N GLY A 30 18.46 2.47 3.91
CA GLY A 30 19.21 3.74 4.07
C GLY A 30 18.80 4.78 3.01
N ILE A 31 17.54 4.72 2.60
CA ILE A 31 16.94 5.47 1.46
C ILE A 31 15.80 6.32 2.06
N THR A 32 15.58 7.52 1.53
CA THR A 32 14.39 8.26 1.84
C THR A 32 13.38 8.20 0.63
N LEU A 33 12.10 8.38 0.92
CA LEU A 33 11.09 8.34 -0.17
C LEU A 33 11.38 9.37 -1.22
N GLU A 34 11.87 10.54 -0.82
CA GLU A 34 12.13 11.55 -1.82
C GLU A 34 13.24 11.22 -2.80
N GLU A 35 14.15 10.31 -2.48
CA GLU A 35 15.15 10.02 -3.48
C GLU A 35 14.66 9.11 -4.56
N ILE A 36 13.53 8.46 -4.29
CA ILE A 36 13.08 7.38 -5.20
C ILE A 36 11.69 7.70 -5.73
N ARG A 37 10.96 8.62 -5.10
CA ARG A 37 9.52 8.86 -5.53
C ARG A 37 9.42 9.26 -7.02
N GLY A 38 8.45 8.63 -7.74
CA GLY A 38 8.17 8.96 -9.17
C GLY A 38 9.24 8.44 -10.13
N LYS A 39 10.15 7.58 -9.65
CA LYS A 39 11.26 7.04 -10.49
C LYS A 39 11.18 5.49 -10.38
N PRO A 40 11.77 4.76 -11.32
CA PRO A 40 11.54 3.31 -11.32
C PRO A 40 12.04 2.58 -10.07
N PHE A 41 11.24 1.63 -9.60
CA PHE A 41 11.58 0.86 -8.39
C PHE A 41 12.97 0.25 -8.55
N TRP A 42 13.28 -0.23 -9.74
CA TRP A 42 14.56 -0.96 -9.89
C TRP A 42 15.80 -0.10 -9.80
N LYS A 43 15.62 1.22 -9.80
CA LYS A 43 16.77 2.13 -9.63
C LYS A 43 17.07 2.39 -8.17
N ALA A 44 16.17 1.99 -7.25
CA ALA A 44 16.32 2.26 -5.81
C ALA A 44 17.37 1.32 -5.22
N ARG A 45 18.04 1.81 -4.18
CA ARG A 45 19.28 1.17 -3.78
C ARG A 45 19.15 -0.26 -3.33
N TRP A 46 17.98 -0.68 -2.82
CA TRP A 46 17.82 -2.11 -2.48
C TRP A 46 18.32 -3.00 -3.59
N TRP A 47 18.07 -2.64 -4.87
CA TRP A 47 18.35 -3.51 -6.00
C TRP A 47 19.69 -3.32 -6.60
N GLN A 48 20.58 -2.59 -5.92
CA GLN A 48 21.87 -2.20 -6.57
C GLN A 48 23.08 -2.97 -6.06
N ILE A 49 22.89 -4.23 -5.61
CA ILE A 49 24.04 -5.12 -5.32
C ILE A 49 24.94 -5.18 -6.57
N SER A 50 24.32 -5.34 -7.75
CA SER A 50 25.11 -5.35 -9.00
C SER A 50 24.22 -4.88 -10.18
N LYS A 51 24.78 -4.84 -11.38
CA LYS A 51 23.94 -4.64 -12.55
C LYS A 51 23.00 -5.79 -12.79
N LYS A 52 23.39 -7.03 -12.46
CA LYS A 52 22.51 -8.17 -12.57
C LYS A 52 21.29 -8.01 -11.69
N THR A 53 21.47 -7.63 -10.44
CA THR A 53 20.29 -7.58 -9.55
C THR A 53 19.28 -6.49 -10.04
N GLU A 54 19.83 -5.37 -10.50
CA GLU A 54 19.02 -4.26 -11.04
C GLU A 54 18.26 -4.73 -12.30
N ALA A 55 18.96 -5.41 -13.25
CA ALA A 55 18.29 -5.91 -14.47
C ALA A 55 17.21 -6.90 -14.15
N THR A 56 17.43 -7.75 -13.14
CA THR A 56 16.34 -8.71 -12.78
C THR A 56 15.13 -8.01 -12.19
N GLN A 57 15.36 -7.03 -11.33
CA GLN A 57 14.20 -6.32 -10.70
C GLN A 57 13.40 -5.57 -11.79
N LYS A 58 14.11 -5.06 -12.79
CA LYS A 58 13.41 -4.37 -13.90
C LYS A 58 12.54 -5.37 -14.64
N ARG A 59 13.08 -6.57 -14.93
CA ARG A 59 12.23 -7.63 -15.48
C ARG A 59 11.07 -7.94 -14.60
N LEU A 60 11.31 -8.09 -13.29
CA LEU A 60 10.17 -8.44 -12.38
C LEU A 60 9.06 -7.37 -12.43
N VAL A 61 9.47 -6.10 -12.38
CA VAL A 61 8.50 -5.01 -12.45
C VAL A 61 7.79 -5.05 -13.84
N GLU A 62 8.52 -5.31 -14.93
CA GLU A 62 7.81 -5.36 -16.25
C GLU A 62 6.83 -6.54 -16.25
N THR A 63 7.19 -7.63 -15.58
CA THR A 63 6.24 -8.77 -15.57
C THR A 63 4.92 -8.37 -14.87
N ALA A 64 5.04 -7.75 -13.73
CA ALA A 64 3.89 -7.33 -12.98
C ALA A 64 3.08 -6.24 -13.76
N SER A 65 3.80 -5.30 -14.37
CA SER A 65 3.21 -4.24 -15.21
C SER A 65 2.38 -4.83 -16.36
N SER A 66 2.66 -6.08 -16.84
CA SER A 66 1.89 -6.73 -17.89
C SER A 66 0.71 -7.45 -17.32
N GLY A 67 0.58 -7.42 -15.99
CA GLY A 67 -0.62 -8.01 -15.32
C GLY A 67 -0.39 -9.38 -14.69
N GLU A 68 0.86 -9.82 -14.65
CA GLU A 68 1.21 -11.12 -14.10
C GLU A 68 1.77 -10.99 -12.72
N PHE A 69 1.38 -11.96 -11.89
CA PHE A 69 1.86 -11.98 -10.53
C PHE A 69 3.25 -12.60 -10.45
N VAL A 70 4.13 -12.02 -9.62
CA VAL A 70 5.56 -12.40 -9.50
C VAL A 70 5.82 -12.75 -8.04
N ARG A 71 6.50 -13.87 -7.83
CA ARG A 71 7.05 -14.08 -6.50
C ARG A 71 8.33 -14.89 -6.58
N CYS A 72 9.39 -14.42 -5.96
CA CYS A 72 10.59 -15.22 -5.92
C CYS A 72 11.56 -14.72 -4.94
N ASP A 73 12.59 -15.54 -4.63
CA ASP A 73 13.57 -15.06 -3.65
C ASP A 73 14.60 -14.18 -4.28
N VAL A 74 15.00 -13.13 -3.57
CA VAL A 74 15.98 -12.19 -4.12
C VAL A 74 16.90 -11.76 -2.99
N GLU A 75 18.01 -11.11 -3.30
CA GLU A 75 18.88 -10.51 -2.29
C GLU A 75 18.83 -9.04 -2.46
N ILE A 76 18.85 -8.29 -1.34
CA ILE A 76 18.84 -6.82 -1.41
C ILE A 76 19.83 -6.21 -0.41
N LEU A 77 20.20 -4.93 -0.68
CA LEU A 77 20.88 -4.09 0.30
C LEU A 77 19.77 -3.54 1.20
N GLY A 78 19.44 -4.32 2.23
CA GLY A 78 18.14 -4.11 2.93
C GLY A 78 18.23 -4.15 4.43
N LYS A 79 19.46 -4.18 4.95
CA LYS A 79 19.74 -4.18 6.40
C LYS A 79 20.85 -3.16 6.74
N SER A 80 20.82 -2.65 7.99
CA SER A 80 21.77 -1.59 8.49
C SER A 80 22.00 -0.44 7.50
N GLY A 81 20.89 0.20 7.17
CA GLY A 81 20.89 1.40 6.40
C GLY A 81 21.52 1.16 5.07
N GLY A 82 21.17 0.02 4.45
CA GLY A 82 21.73 -0.36 3.14
C GLY A 82 23.12 -0.96 3.12
N ARG A 83 23.67 -1.22 4.28
CA ARG A 83 25.06 -1.69 4.36
C ARG A 83 25.16 -3.20 4.29
N GLU A 84 24.08 -3.92 4.58
CA GLU A 84 24.13 -5.37 4.58
C GLU A 84 23.11 -6.03 3.68
N VAL A 85 23.55 -7.13 3.07
CA VAL A 85 22.70 -7.94 2.18
C VAL A 85 21.78 -8.87 2.98
N ILE A 86 20.48 -8.95 2.60
CA ILE A 86 19.60 -9.94 3.15
C ILE A 86 18.87 -10.60 2.02
N ALA A 87 18.57 -11.86 2.28
CA ALA A 87 17.68 -12.58 1.39
C ALA A 87 16.24 -12.23 1.72
N VAL A 88 15.43 -12.10 0.68
CA VAL A 88 14.01 -11.71 0.84
C VAL A 88 13.08 -12.56 -0.03
N ASP A 89 11.94 -12.92 0.53
CA ASP A 89 10.89 -13.59 -0.24
C ASP A 89 10.09 -12.38 -0.78
N PHE A 90 10.14 -12.18 -2.08
CA PHE A 90 9.71 -10.91 -2.69
C PHE A 90 8.51 -11.21 -3.62
N SER A 91 7.48 -10.37 -3.56
CA SER A 91 6.34 -10.52 -4.40
C SER A 91 5.96 -9.16 -5.02
N LEU A 92 5.36 -9.21 -6.21
CA LEU A 92 4.74 -7.99 -6.78
C LEU A 92 3.34 -8.43 -7.18
N LEU A 93 2.37 -7.71 -6.70
CA LEU A 93 0.96 -7.99 -7.03
C LEU A 93 0.42 -6.84 -7.94
N PRO A 94 -0.01 -7.13 -9.15
CA PRO A 94 -0.62 -6.03 -9.93
C PRO A 94 -1.99 -5.74 -9.28
N ILE A 95 -2.37 -4.46 -9.17
CA ILE A 95 -3.66 -4.05 -8.56
C ILE A 95 -4.47 -3.45 -9.68
N CYS A 96 -5.64 -4.03 -9.96
CA CYS A 96 -6.61 -3.50 -10.98
C CYS A 96 -7.70 -2.66 -10.34
N ASN A 97 -8.10 -1.62 -11.05
CA ASN A 97 -9.28 -0.86 -10.60
C ASN A 97 -10.59 -1.54 -11.01
N GLU A 98 -11.70 -0.83 -10.76
CA GLU A 98 -13.02 -1.40 -10.95
C GLU A 98 -13.27 -1.82 -12.40
N GLU A 99 -12.63 -1.16 -13.35
CA GLU A 99 -12.81 -1.41 -14.80
C GLU A 99 -11.89 -2.56 -15.22
N GLY A 100 -11.01 -3.03 -14.30
CA GLY A 100 -10.14 -4.16 -14.60
C GLY A 100 -8.78 -3.70 -15.11
N SER A 101 -8.49 -2.41 -15.09
CA SER A 101 -7.21 -1.84 -15.53
C SER A 101 -6.17 -1.82 -14.42
N ILE A 102 -4.95 -2.17 -14.77
CA ILE A 102 -3.83 -2.12 -13.81
C ILE A 102 -3.58 -0.69 -13.45
N VAL A 103 -3.62 -0.41 -12.15
CA VAL A 103 -3.42 0.93 -11.68
C VAL A 103 -2.20 1.11 -10.78
N TYR A 104 -1.92 0.04 -10.03
CA TYR A 104 -0.78 0.06 -9.11
C TYR A 104 -0.11 -1.29 -9.09
N LEU A 105 1.13 -1.32 -8.57
CA LEU A 105 1.75 -2.62 -8.25
C LEU A 105 2.07 -2.57 -6.72
N LEU A 106 1.79 -3.68 -6.00
CA LEU A 106 2.15 -3.79 -4.57
C LEU A 106 3.38 -4.63 -4.49
N ALA A 107 4.46 -4.05 -3.97
CA ALA A 107 5.68 -4.81 -3.70
C ALA A 107 5.81 -5.21 -2.24
N GLU A 108 6.01 -6.49 -1.99
CA GLU A 108 6.12 -6.93 -0.56
C GLU A 108 7.33 -7.77 -0.41
N GLY A 109 7.95 -7.72 0.76
CA GLY A 109 9.05 -8.67 0.95
C GLY A 109 9.17 -9.06 2.42
N ARG A 110 9.67 -10.28 2.64
CA ARG A 110 9.99 -10.73 4.00
C ARG A 110 11.43 -11.19 4.03
N ASN A 111 12.15 -10.76 5.07
CA ASN A 111 13.52 -11.22 5.31
C ASN A 111 13.54 -12.72 5.68
N ILE A 112 14.21 -13.51 4.84
CA ILE A 112 14.31 -14.96 4.99
C ILE A 112 15.78 -15.39 5.20
N THR A 113 16.62 -14.47 5.62
CA THR A 113 18.11 -14.74 5.73
C THR A 113 18.39 -15.83 6.75
N ASP A 114 17.91 -15.64 7.99
CA ASP A 114 18.07 -16.72 9.01
C ASP A 114 17.41 -18.00 8.58
N LYS A 115 16.21 -17.90 7.96
CA LYS A 115 15.51 -19.05 7.40
C LYS A 115 16.41 -19.88 6.42
N LYS A 116 17.04 -19.21 5.42
CA LYS A 116 17.94 -19.93 4.46
C LYS A 116 19.13 -20.55 5.23
N LYS A 117 19.60 -19.85 6.26
CA LYS A 117 20.74 -20.35 7.06
C LYS A 117 20.31 -21.67 7.72
N ALA A 118 19.11 -21.66 8.26
CA ALA A 118 18.57 -22.87 8.91
C ALA A 118 18.33 -24.06 7.96
N GLU A 119 17.75 -23.79 6.77
CA GLU A 119 17.61 -24.76 5.67
C GLU A 119 18.97 -25.35 5.26
N ALA A 120 19.96 -24.50 5.12
CA ALA A 120 21.30 -25.00 4.86
C ALA A 120 21.84 -25.94 5.99
N MSE A 121 21.60 -25.59 7.25
CA MSE A 121 22.07 -26.47 8.35
C MSE A 121 21.33 -27.78 8.36
O MSE A 121 21.97 -28.85 8.54
CB MSE A 121 21.88 -25.83 9.70
CG MSE A 121 22.74 -24.60 9.87
SE MSE A 121 24.64 -25.17 9.98
CE MSE A 121 24.84 -26.22 11.65
N LEU A 122 20.01 -27.74 8.14
CA LEU A 122 19.22 -29.00 8.12
C LEU A 122 19.54 -29.89 6.94
N ALA A 123 20.10 -29.29 5.87
CA ALA A 123 20.50 -29.96 4.64
C ALA A 123 21.81 -30.70 4.74
N LEU A 124 22.62 -30.40 5.76
CA LEU A 124 23.95 -31.02 5.87
C LEU A 124 23.80 -32.52 5.86
N LYS A 125 24.61 -33.13 5.03
CA LYS A 125 24.56 -34.58 4.86
C LYS A 125 25.69 -35.24 5.62
N ALA B 4 -8.13 10.94 -10.25
CA ALA B 4 -6.71 11.42 -10.47
C ALA B 4 -5.85 10.72 -9.43
N LEU B 5 -4.54 10.80 -9.53
CA LEU B 5 -3.71 10.14 -8.41
C LEU B 5 -4.21 10.62 -7.08
N TYR B 6 -4.30 9.72 -6.11
CA TYR B 6 -4.85 10.05 -4.82
C TYR B 6 -4.17 11.21 -4.14
N GLU B 7 -4.84 11.75 -3.13
N GLU B 7 -4.84 11.78 -3.14
CA GLU B 7 -4.25 12.65 -2.19
CA GLU B 7 -4.22 12.64 -2.18
C GLU B 7 -3.91 11.88 -0.89
C GLU B 7 -3.89 11.85 -0.90
N PHE B 8 -4.88 11.12 -0.41
CA PHE B 8 -4.71 10.27 0.79
C PHE B 8 -4.69 8.84 0.28
N VAL B 9 -3.86 8.02 0.94
CA VAL B 9 -3.81 6.59 0.64
C VAL B 9 -3.47 5.77 1.89
N GLY B 10 -4.11 4.60 1.96
CA GLY B 10 -3.84 3.69 3.07
C GLY B 10 -3.91 2.27 2.60
N LEU B 11 -3.06 1.46 3.19
CA LEU B 11 -3.13 0.00 2.95
C LEU B 11 -3.75 -0.68 4.16
N LEU B 12 -4.80 -1.50 3.95
CA LEU B 12 -5.48 -2.24 5.00
C LEU B 12 -5.32 -3.72 4.78
N ASP B 13 -5.34 -4.53 5.82
CA ASP B 13 -5.52 -6.00 5.51
C ASP B 13 -6.93 -6.31 5.10
N ALA B 14 -7.23 -7.61 4.86
CA ALA B 14 -8.58 -7.92 4.38
C ALA B 14 -9.68 -7.76 5.44
N HIS B 15 -9.29 -7.52 6.70
CA HIS B 15 -10.25 -7.27 7.81
C HIS B 15 -10.33 -5.77 8.06
N GLY B 16 -9.68 -4.97 7.22
CA GLY B 16 -9.81 -3.54 7.36
C GLY B 16 -8.86 -2.96 8.35
N ASN B 17 -7.92 -3.78 8.87
CA ASN B 17 -7.00 -3.23 9.86
C ASN B 17 -5.93 -2.38 9.21
N VAL B 18 -5.54 -1.23 9.81
CA VAL B 18 -4.58 -0.30 9.15
C VAL B 18 -3.19 -0.84 9.13
N LEU B 19 -2.62 -0.92 7.90
CA LEU B 19 -1.18 -1.28 7.80
C LEU B 19 -0.25 -0.10 7.57
N GLU B 20 -0.54 0.73 6.54
CA GLU B 20 0.28 1.82 6.19
C GLU B 20 -0.64 2.95 5.76
N VAL B 21 -0.17 4.18 5.98
CA VAL B 21 -0.94 5.38 5.63
C VAL B 21 0.04 6.45 5.21
N ASN B 22 -0.22 7.14 4.11
CA ASN B 22 0.68 8.24 3.77
C ASN B 22 0.64 9.44 4.74
N GLN B 23 1.78 10.16 4.79
CA GLN B 23 1.98 11.25 5.75
C GLN B 23 0.85 12.31 5.62
N VAL B 24 0.46 12.59 4.39
CA VAL B 24 -0.56 13.68 4.20
C VAL B 24 -1.88 13.34 4.93
N ALA B 25 -2.29 12.07 4.82
CA ALA B 25 -3.53 11.65 5.51
C ALA B 25 -3.41 11.65 7.02
N LEU B 26 -2.27 11.17 7.50
CA LEU B 26 -2.01 11.17 8.93
C LEU B 26 -2.01 12.62 9.49
N GLU B 27 -1.34 13.53 8.78
CA GLU B 27 -1.33 14.98 9.16
C GLU B 27 -2.76 15.56 9.11
N GLY B 28 -3.55 15.22 8.06
CA GLY B 28 -4.91 15.80 7.99
C GLY B 28 -5.79 15.36 9.18
N GLY B 29 -5.65 14.10 9.63
CA GLY B 29 -6.50 13.53 10.68
C GLY B 29 -5.92 13.74 12.05
N GLY B 30 -4.69 14.24 12.11
CA GLY B 30 -4.06 14.40 13.39
C GLY B 30 -3.76 13.10 14.10
N ILE B 31 -3.26 12.13 13.34
CA ILE B 31 -3.09 10.75 13.83
C ILE B 31 -1.67 10.30 13.52
N THR B 32 -1.09 9.45 14.35
CA THR B 32 0.21 8.82 13.96
C THR B 32 -0.03 7.37 13.59
N LEU B 33 0.82 6.83 12.73
CA LEU B 33 0.59 5.46 12.30
C LEU B 33 0.61 4.49 13.45
N GLU B 34 1.55 4.70 14.38
CA GLU B 34 1.67 3.77 15.47
C GLU B 34 0.37 3.66 16.31
N GLU B 35 -0.39 4.75 16.40
CA GLU B 35 -1.66 4.78 17.18
C GLU B 35 -2.77 3.92 16.58
N ILE B 36 -2.79 3.79 15.24
CA ILE B 36 -3.92 3.15 14.54
C ILE B 36 -3.53 1.85 13.87
N ARG B 37 -2.25 1.59 13.79
CA ARG B 37 -1.79 0.40 13.04
C ARG B 37 -2.29 -0.89 13.70
N GLY B 38 -2.82 -1.82 12.91
CA GLY B 38 -3.29 -3.12 13.39
C GLY B 38 -4.71 -3.09 13.90
N LYS B 39 -5.33 -1.92 13.80
CA LYS B 39 -6.69 -1.74 14.36
C LYS B 39 -7.58 -1.28 13.22
N PRO B 40 -8.90 -1.48 13.35
CA PRO B 40 -9.79 -1.26 12.19
C PRO B 40 -9.78 0.16 11.70
N PHE B 41 -9.80 0.29 10.39
CA PHE B 41 -9.73 1.63 9.79
C PHE B 41 -10.86 2.55 10.28
N TRP B 42 -12.07 1.98 10.46
CA TRP B 42 -13.22 2.82 10.86
C TRP B 42 -13.09 3.42 12.27
N LYS B 43 -12.14 2.90 13.08
CA LYS B 43 -11.90 3.46 14.42
C LYS B 43 -10.99 4.65 14.40
N ALA B 44 -10.29 4.86 13.29
CA ALA B 44 -9.37 5.99 13.22
C ALA B 44 -10.13 7.31 13.12
N ARG B 45 -9.54 8.38 13.57
CA ARG B 45 -10.23 9.67 13.70
C ARG B 45 -10.93 10.21 12.46
N TRP B 46 -10.36 10.00 11.26
CA TRP B 46 -11.02 10.51 10.03
C TRP B 46 -12.49 10.17 10.02
N TRP B 47 -12.82 9.00 10.54
CA TRP B 47 -14.22 8.43 10.45
C TRP B 47 -15.11 8.70 11.65
N GLN B 48 -14.67 9.60 12.53
CA GLN B 48 -15.29 9.74 13.86
C GLN B 48 -16.14 10.98 13.99
N ILE B 49 -16.67 11.52 12.88
CA ILE B 49 -17.65 12.65 13.08
C ILE B 49 -18.79 12.13 13.96
N SER B 50 -19.28 10.92 13.68
CA SER B 50 -20.33 10.35 14.50
C SER B 50 -20.24 8.84 14.54
N LYS B 51 -21.13 8.24 15.34
CA LYS B 51 -21.41 6.78 15.19
C LYS B 51 -21.90 6.36 13.78
N LYS B 52 -22.65 7.21 13.08
CA LYS B 52 -23.08 6.92 11.70
C LYS B 52 -21.93 6.90 10.71
N THR B 53 -20.99 7.86 10.83
CA THR B 53 -19.86 7.84 9.90
C THR B 53 -18.96 6.62 10.17
N GLU B 54 -18.76 6.28 11.44
CA GLU B 54 -18.00 5.09 11.84
C GLU B 54 -18.59 3.82 11.24
N ALA B 55 -19.88 3.65 11.48
CA ALA B 55 -20.62 2.48 10.96
C ALA B 55 -20.62 2.43 9.43
N THR B 56 -20.77 3.58 8.78
CA THR B 56 -20.74 3.61 7.34
C THR B 56 -19.37 3.08 6.86
N GLN B 57 -18.27 3.57 7.45
CA GLN B 57 -16.95 3.15 6.98
C GLN B 57 -16.70 1.63 7.23
N LYS B 58 -17.26 1.10 8.33
CA LYS B 58 -17.11 -0.31 8.66
C LYS B 58 -17.86 -1.03 7.54
N ARG B 59 -19.02 -0.48 7.13
CA ARG B 59 -19.81 -1.16 6.09
C ARG B 59 -19.11 -1.12 4.72
N LEU B 60 -18.49 0.00 4.38
CA LEU B 60 -17.71 0.11 3.15
C LEU B 60 -16.51 -0.88 3.16
N VAL B 61 -15.87 -1.07 4.32
CA VAL B 61 -14.73 -2.01 4.43
C VAL B 61 -15.25 -3.44 4.27
N GLU B 62 -16.36 -3.79 4.92
CA GLU B 62 -16.98 -5.10 4.70
C GLU B 62 -17.30 -5.35 3.25
N THR B 63 -17.81 -4.35 2.52
CA THR B 63 -18.17 -4.52 1.10
C THR B 63 -16.90 -4.77 0.29
N ALA B 64 -15.83 -4.00 0.54
CA ALA B 64 -14.58 -4.22 -0.21
C ALA B 64 -13.98 -5.56 0.13
N SER B 65 -14.03 -5.91 1.41
CA SER B 65 -13.43 -7.22 1.92
C SER B 65 -14.08 -8.39 1.18
N SER B 66 -15.28 -8.17 0.68
CA SER B 66 -16.03 -9.15 -0.10
C SER B 66 -15.69 -9.18 -1.61
N GLY B 67 -14.83 -8.30 -2.10
CA GLY B 67 -14.47 -8.29 -3.49
C GLY B 67 -15.15 -7.19 -4.24
N GLU B 68 -16.01 -6.37 -3.59
CA GLU B 68 -16.79 -5.37 -4.31
C GLU B 68 -15.98 -4.06 -4.22
N PHE B 69 -15.76 -3.39 -5.36
CA PHE B 69 -15.16 -2.06 -5.41
C PHE B 69 -16.08 -0.99 -4.82
N VAL B 70 -15.52 -0.03 -4.05
CA VAL B 70 -16.32 1.03 -3.38
C VAL B 70 -15.86 2.37 -3.89
N ARG B 71 -16.82 3.22 -4.29
CA ARG B 71 -16.50 4.61 -4.55
C ARG B 71 -17.68 5.46 -4.09
N CYS B 72 -17.40 6.44 -3.25
CA CYS B 72 -18.48 7.36 -2.82
C CYS B 72 -17.92 8.60 -2.17
N ASP B 73 -18.75 9.64 -2.16
CA ASP B 73 -18.32 10.89 -1.53
C ASP B 73 -18.61 10.76 -0.03
N VAL B 74 -17.70 11.17 0.83
CA VAL B 74 -17.86 10.99 2.28
C VAL B 74 -17.37 12.28 2.98
N GLU B 75 -17.74 12.56 4.22
CA GLU B 75 -17.12 13.63 4.97
C GLU B 75 -16.23 13.03 6.02
N ILE B 76 -15.06 13.60 6.26
CA ILE B 76 -14.08 13.07 7.23
C ILE B 76 -13.52 14.19 8.05
N LEU B 77 -13.04 13.85 9.24
CA LEU B 77 -12.19 14.80 10.00
C LEU B 77 -10.81 14.73 9.41
N GLY B 78 -10.51 15.62 8.47
CA GLY B 78 -9.45 15.31 7.56
C GLY B 78 -8.57 16.47 7.30
N LYS B 79 -8.92 17.60 7.92
CA LYS B 79 -8.14 18.83 7.83
C LYS B 79 -7.75 19.34 9.18
N SER B 80 -6.60 20.02 9.21
CA SER B 80 -6.06 20.66 10.44
C SER B 80 -5.99 19.72 11.62
N GLY B 81 -5.31 18.59 11.44
CA GLY B 81 -5.01 17.71 12.58
C GLY B 81 -6.29 17.12 13.17
N GLY B 82 -7.28 16.81 12.30
CA GLY B 82 -8.55 16.21 12.77
C GLY B 82 -9.59 17.19 13.29
N ARG B 83 -9.31 18.51 13.19
CA ARG B 83 -10.25 19.55 13.69
C ARG B 83 -11.42 19.80 12.79
N GLU B 84 -11.17 19.75 11.46
CA GLU B 84 -12.07 20.36 10.50
C GLU B 84 -12.58 19.29 9.54
N VAL B 85 -13.87 19.33 9.24
CA VAL B 85 -14.48 18.40 8.28
C VAL B 85 -14.08 18.81 6.84
N ILE B 86 -13.64 17.86 6.03
CA ILE B 86 -13.59 18.09 4.55
C ILE B 86 -14.38 16.98 3.81
N ALA B 87 -14.96 17.31 2.63
CA ALA B 87 -15.61 16.25 1.81
C ALA B 87 -14.52 15.59 0.95
N VAL B 88 -14.63 14.27 0.80
CA VAL B 88 -13.59 13.58 0.07
C VAL B 88 -14.29 12.58 -0.90
N ASP B 89 -13.71 12.43 -2.10
CA ASP B 89 -14.08 11.35 -3.06
C ASP B 89 -13.26 10.14 -2.57
N PHE B 90 -13.92 9.09 -2.12
CA PHE B 90 -13.26 8.00 -1.39
C PHE B 90 -13.43 6.73 -2.15
N SER B 91 -12.41 5.90 -2.16
CA SER B 91 -12.50 4.65 -2.88
C SER B 91 -11.79 3.53 -2.06
N LEU B 92 -12.32 2.31 -2.19
CA LEU B 92 -11.68 1.07 -1.62
C LEU B 92 -11.49 0.09 -2.72
N LEU B 93 -10.25 -0.33 -2.96
CA LEU B 93 -9.97 -1.37 -4.05
C LEU B 93 -9.57 -2.63 -3.31
N PRO B 94 -10.30 -3.71 -3.51
CA PRO B 94 -9.91 -5.02 -2.99
C PRO B 94 -8.68 -5.52 -3.79
N ILE B 95 -7.62 -5.89 -3.11
CA ILE B 95 -6.36 -6.35 -3.80
C ILE B 95 -6.32 -7.88 -3.61
N CYS B 96 -6.32 -8.62 -4.70
CA CYS B 96 -6.24 -10.08 -4.65
C CYS B 96 -4.88 -10.59 -4.94
N ASN B 97 -4.63 -11.82 -4.49
CA ASN B 97 -3.40 -12.50 -4.84
C ASN B 97 -3.65 -13.24 -6.18
N GLU B 98 -2.68 -14.05 -6.63
CA GLU B 98 -2.74 -14.63 -7.98
C GLU B 98 -3.93 -15.60 -8.16
N GLU B 99 -4.31 -16.21 -7.04
CA GLU B 99 -5.44 -17.15 -6.95
C GLU B 99 -6.82 -16.46 -6.86
N GLY B 100 -6.82 -15.15 -6.61
CA GLY B 100 -8.02 -14.34 -6.61
C GLY B 100 -8.55 -14.05 -5.21
N SER B 101 -7.89 -14.56 -4.17
CA SER B 101 -8.30 -14.28 -2.77
C SER B 101 -7.87 -12.86 -2.31
N ILE B 102 -8.78 -12.20 -1.62
CA ILE B 102 -8.53 -10.82 -1.19
C ILE B 102 -7.51 -10.86 -0.01
N VAL B 103 -6.42 -10.14 -0.17
CA VAL B 103 -5.35 -10.10 0.78
C VAL B 103 -5.07 -8.70 1.43
N TYR B 104 -5.42 -7.68 0.70
CA TYR B 104 -5.38 -6.32 1.18
C TYR B 104 -6.53 -5.52 0.65
N LEU B 105 -6.68 -4.32 1.20
CA LEU B 105 -7.57 -3.30 0.63
C LEU B 105 -6.78 -2.04 0.47
N LEU B 106 -6.98 -1.34 -0.65
CA LEU B 106 -6.35 0.00 -0.83
C LEU B 106 -7.38 1.10 -0.66
N ALA B 107 -7.20 1.96 0.34
CA ALA B 107 -8.12 3.13 0.59
C ALA B 107 -7.54 4.34 -0.03
N GLU B 108 -8.30 5.05 -0.86
CA GLU B 108 -7.78 6.27 -1.49
C GLU B 108 -8.76 7.40 -1.29
N GLY B 109 -8.23 8.60 -1.23
CA GLY B 109 -9.15 9.74 -1.25
C GLY B 109 -8.54 10.99 -1.85
N ARG B 110 -9.43 11.82 -2.39
CA ARG B 110 -9.05 13.16 -2.74
C ARG B 110 -10.05 14.15 -2.17
N ASN B 111 -9.50 15.24 -1.60
CA ASN B 111 -10.26 16.39 -1.04
C ASN B 111 -11.09 16.97 -2.21
N ILE B 112 -12.39 17.13 -2.05
CA ILE B 112 -13.21 17.67 -3.14
C ILE B 112 -13.79 19.00 -2.69
N THR B 113 -13.40 19.44 -1.49
CA THR B 113 -13.93 20.72 -0.99
C THR B 113 -13.77 21.92 -1.99
N ASP B 114 -12.66 22.00 -2.76
CA ASP B 114 -12.44 23.07 -3.80
C ASP B 114 -12.59 22.60 -5.28
N LYS B 115 -12.96 21.34 -5.46
CA LYS B 115 -13.16 20.77 -6.79
C LYS B 115 -14.36 21.45 -7.51
N LYS B 116 -14.21 21.69 -8.82
CA LYS B 116 -15.31 22.29 -9.63
C LYS B 116 -16.58 21.44 -9.46
N LYS B 117 -17.71 22.09 -9.11
CA LYS B 117 -19.00 21.40 -8.90
C LYS B 117 -19.37 20.58 -10.14
N ALA B 118 -19.73 19.33 -9.91
CA ALA B 118 -19.92 18.39 -10.99
C ALA B 118 -21.32 17.79 -10.89
N GLU B 119 -21.83 17.45 -12.06
CA GLU B 119 -23.07 16.74 -12.22
C GLU B 119 -22.85 15.18 -12.33
N ALA B 120 -23.64 14.40 -11.58
CA ALA B 120 -23.74 12.92 -11.72
C ALA B 120 -24.50 12.56 -12.97
N MSE B 121 -24.40 11.29 -13.37
CA MSE B 121 -25.21 10.82 -14.48
C MSE B 121 -26.39 10.23 -13.75
O MSE B 121 -26.20 9.33 -12.90
CB MSE B 121 -24.42 9.82 -15.31
CG MSE B 121 -23.38 10.70 -16.01
SE MSE B 121 -22.41 9.56 -17.26
CE MSE B 121 -21.64 8.21 -16.01
N LEU B 122 -27.56 10.79 -13.97
CA LEU B 122 -28.83 10.26 -13.44
C LEU B 122 -29.69 9.56 -14.50
N ALA B 123 -30.20 8.39 -14.14
CA ALA B 123 -31.18 7.72 -15.00
C ALA B 123 -32.46 8.54 -15.17
N LEU B 124 -33.09 8.51 -16.37
CA LEU B 124 -34.36 9.20 -16.58
C LEU B 124 -35.51 8.47 -15.86
N LYS B 125 -35.54 7.15 -16.00
CA LYS B 125 -36.42 6.24 -15.22
C LYS B 125 -35.70 5.58 -14.01
#